data_3LL2
#
_entry.id   3LL2
#
_cell.length_a   90.5
_cell.length_b   90.5
_cell.length_c   27.8
_cell.angle_alpha   90
_cell.angle_beta   90
_cell.angle_gamma   90
#
_symmetry.space_group_name_H-M   'I 41'
#
loop_
_entity.id
_entity.type
_entity.pdbx_description
1 polymer Griffithsin
2 branched alpha-D-mannopyranose-(1-2)-alpha-D-mannopyranose-(1-2)-alpha-D-mannopyranose-(1-3)-[alpha-D-mannopyranose-(1-2)-alpha-D-mannopyranose-(1-3)-[alpha-D-mannopyranose-(1-6)]alpha-D-mannopyranose-(1-6)]alpha-D-mannopyranose
3 non-polymer 1,2-ETHANEDIOL
4 non-polymer DI(HYDROXYETHYL)ETHER
5 water water
#
_entity_poly.entity_id   1
_entity_poly.type   'polypeptide(L)'
_entity_poly.pdbx_seq_one_letter_code
;SSTHRKFGGSGGSPFSGSGLSSIAVRSGSYLDAIIIDGVHHGGSGGNLSPTFTFGSGEYISNMTIRSGDYIDNISFETNM
GRRFGPYGGSGGSANTLSNVKVIQINGSAGDYLDSLDIYYEQY
;
_entity_poly.pdbx_strand_id   A
#
loop_
_chem_comp.id
_chem_comp.type
_chem_comp.name
_chem_comp.formula
EDO non-polymer 1,2-ETHANEDIOL 'C2 H6 O2'
MAN D-saccharide, alpha linking alpha-D-mannopyranose 'C6 H12 O6'
PEG non-polymer DI(HYDROXYETHYL)ETHER 'C4 H10 O3'
#
# COMPACT_ATOMS: atom_id res chain seq x y z
N SER A 1 11.94 -6.35 -17.39
CA SER A 1 12.57 -5.47 -16.37
C SER A 1 11.50 -4.83 -15.49
N SER A 2 11.93 -4.37 -14.33
CA SER A 2 11.05 -3.67 -13.46
C SER A 2 11.79 -2.68 -12.65
N THR A 3 11.06 -1.95 -11.81
CA THR A 3 11.65 -0.91 -11.03
C THR A 3 11.02 -0.91 -9.63
N HIS A 4 11.36 0.09 -8.83
CA HIS A 4 10.68 0.26 -7.53
C HIS A 4 10.74 1.69 -7.11
N ARG A 5 9.86 2.05 -6.18
CA ARG A 5 9.86 3.37 -5.59
C ARG A 5 9.47 3.27 -4.14
N LYS A 6 10.17 4.04 -3.30
CA LYS A 6 9.93 4.09 -1.85
C LYS A 6 9.20 5.39 -1.49
N PHE A 7 8.29 5.29 -0.52
CA PHE A 7 7.49 6.39 -0.04
C PHE A 7 7.53 6.30 1.50
N GLY A 8 7.55 7.46 2.14
CA GLY A 8 7.39 7.51 3.61
C GLY A 8 8.69 7.83 4.32
N GLY A 9 8.70 7.52 5.62
CA GLY A 9 9.76 7.92 6.52
C GLY A 9 10.73 6.80 6.79
N SER A 10 11.54 7.01 7.83
CA SER A 10 12.68 6.12 8.11
C SER A 10 12.43 5.09 9.21
N GLY A 11 11.27 5.10 9.82
CA GLY A 11 11.02 4.22 10.96
C GLY A 11 10.50 2.82 10.63
N GLY A 12 10.18 2.04 11.66
CA GLY A 12 9.59 0.73 11.52
C GLY A 12 10.57 -0.41 11.26
N SER A 13 10.09 -1.62 11.34
CA SER A 13 10.81 -2.84 10.97
C SER A 13 10.49 -3.21 9.55
N PRO A 14 11.50 -3.44 8.70
CA PRO A 14 11.19 -3.83 7.32
C PRO A 14 10.43 -5.14 7.21
N PHE A 15 9.57 -5.20 6.19
CA PHE A 15 8.86 -6.43 5.85
C PHE A 15 8.88 -6.61 4.36
N SER A 16 8.60 -7.83 3.91
CA SER A 16 8.49 -8.12 2.51
C SER A 16 7.12 -8.69 2.25
N GLY A 17 6.41 -8.16 1.27
CA GLY A 17 5.18 -8.77 0.93
C GLY A 17 5.42 -10.14 0.31
N SER A 18 4.48 -11.02 0.58
CA SER A 18 4.66 -12.39 0.12
C SER A 18 3.81 -12.74 -1.06
N GLY A 19 2.99 -11.81 -1.51
CA GLY A 19 2.23 -12.01 -2.70
C GLY A 19 1.24 -10.89 -2.81
N LEU A 20 0.41 -10.95 -3.83
CA LEU A 20 -0.58 -9.91 -4.11
C LEU A 20 -1.90 -10.53 -4.46
N SER A 21 -2.32 -11.41 -3.56
CA SER A 21 -3.65 -11.96 -3.64
C SER A 21 -4.71 -11.14 -2.94
N SER A 22 -4.34 -10.48 -1.83
CA SER A 22 -5.32 -9.67 -1.14
C SER A 22 -4.60 -8.56 -0.38
N ILE A 23 -5.32 -7.44 -0.22
CA ILE A 23 -4.84 -6.31 0.54
C ILE A 23 -5.98 -5.77 1.38
N ALA A 24 -5.68 -5.46 2.65
CA ALA A 24 -6.55 -4.64 3.47
C ALA A 24 -5.61 -3.65 4.22
N VAL A 25 -6.22 -2.65 4.86
CA VAL A 25 -5.43 -1.74 5.69
C VAL A 25 -6.18 -1.51 7.00
N ARG A 26 -5.42 -1.07 8.00
CA ARG A 26 -6.00 -0.35 9.15
C ARG A 26 -5.65 1.10 8.98
N SER A 27 -6.61 2.01 9.19
CA SER A 27 -6.30 3.40 8.96
C SER A 27 -7.15 4.29 9.85
N GLY A 28 -6.60 5.46 10.09
CA GLY A 28 -7.30 6.55 10.79
C GLY A 28 -6.84 7.82 10.13
N SER A 29 -6.11 8.64 10.88
CA SER A 29 -5.40 9.72 10.28
C SER A 29 -4.28 9.25 9.36
N TYR A 30 -3.70 8.09 9.68
CA TYR A 30 -2.60 7.51 8.93
C TYR A 30 -2.97 6.11 8.50
N LEU A 31 -2.05 5.44 7.79
CA LEU A 31 -2.13 3.98 7.65
C LEU A 31 -1.45 3.36 8.86
N ASP A 32 -2.26 2.76 9.72
CA ASP A 32 -1.78 2.04 10.86
C ASP A 32 -1.13 0.73 10.46
N ALA A 33 -1.67 0.08 9.42
CA ALA A 33 -1.15 -1.23 9.03
C ALA A 33 -1.57 -1.51 7.61
N ILE A 34 -0.76 -2.32 6.92
CA ILE A 34 -1.18 -2.95 5.67
C ILE A 34 -1.17 -4.44 5.88
N ILE A 35 -2.18 -5.11 5.34
CA ILE A 35 -2.40 -6.53 5.55
C ILE A 35 -2.35 -7.15 4.16
N ILE A 36 -1.27 -7.89 3.88
CA ILE A 36 -0.97 -8.39 2.54
C ILE A 36 -1.13 -9.92 2.59
N ASP A 37 -2.06 -10.47 1.81
CA ASP A 37 -2.31 -11.90 1.87
C ASP A 37 -2.64 -12.35 3.30
N GLY A 38 -3.33 -11.48 4.04
CA GLY A 38 -3.72 -11.81 5.40
C GLY A 38 -2.68 -11.53 6.46
N VAL A 39 -1.47 -11.14 6.05
CA VAL A 39 -0.35 -10.95 6.95
C VAL A 39 -0.29 -9.49 7.36
N HIS A 40 -0.33 -9.23 8.68
CA HIS A 40 -0.46 -7.88 9.22
C HIS A 40 0.90 -7.23 9.40
N HIS A 41 1.09 -6.03 8.84
CA HIS A 41 2.32 -5.26 8.99
C HIS A 41 1.92 -3.90 9.51
N GLY A 42 2.22 -3.67 10.80
CA GLY A 42 1.90 -2.42 11.46
C GLY A 42 1.14 -2.64 12.76
N GLY A 43 0.50 -1.58 13.22
CA GLY A 43 -0.12 -1.57 14.55
C GLY A 43 -1.58 -1.90 14.53
N SER A 44 -2.20 -1.68 15.69
CA SER A 44 -3.58 -2.07 15.93
C SER A 44 -4.53 -0.88 16.04
N GLY A 45 -4.05 0.34 15.82
CA GLY A 45 -4.91 1.48 15.80
C GLY A 45 -5.69 1.56 14.50
N GLY A 46 -6.44 2.63 14.37
CA GLY A 46 -7.25 2.81 13.19
C GLY A 46 -8.41 1.84 13.12
N ASN A 47 -9.07 1.81 11.99
CA ASN A 47 -10.15 0.84 11.72
C ASN A 47 -9.79 0.03 10.51
N LEU A 48 -10.25 -1.22 10.54
CA LEU A 48 -9.95 -2.18 9.48
C LEU A 48 -10.81 -1.97 8.25
N SER A 49 -10.19 -1.83 7.10
CA SER A 49 -10.89 -1.72 5.85
C SER A 49 -11.43 -3.09 5.44
N PRO A 50 -12.35 -3.10 4.46
CA PRO A 50 -12.64 -4.37 3.80
C PRO A 50 -11.38 -4.90 3.12
N THR A 51 -11.36 -6.21 2.87
CA THR A 51 -10.30 -6.83 2.14
C THR A 51 -10.57 -6.78 0.64
N PHE A 52 -9.58 -6.37 -0.13
CA PHE A 52 -9.61 -6.42 -1.58
C PHE A 52 -8.90 -7.71 -2.00
N THR A 53 -9.63 -8.57 -2.72
CA THR A 53 -9.06 -9.83 -3.20
C THR A 53 -8.96 -9.76 -4.73
N PHE A 54 -7.75 -9.92 -5.22
CA PHE A 54 -7.50 -9.86 -6.65
C PHE A 54 -8.08 -11.11 -7.33
N GLY A 55 -8.76 -10.90 -8.45
CA GLY A 55 -9.20 -12.01 -9.25
C GLY A 55 -8.11 -12.48 -10.16
N SER A 56 -8.46 -13.54 -10.90
CA SER A 56 -7.57 -14.06 -11.90
C SER A 56 -7.14 -12.98 -12.86
N GLY A 57 -5.85 -12.84 -13.09
CA GLY A 57 -5.34 -11.87 -14.06
C GLY A 57 -5.37 -10.43 -13.62
N GLU A 58 -5.77 -10.18 -12.37
CA GLU A 58 -5.95 -8.81 -11.90
C GLU A 58 -4.71 -8.33 -11.13
N TYR A 59 -4.35 -7.09 -11.39
CA TYR A 59 -3.19 -6.49 -10.76
C TYR A 59 -3.41 -5.00 -10.58
N ILE A 60 -2.62 -4.39 -9.68
CA ILE A 60 -2.67 -2.97 -9.48
C ILE A 60 -2.00 -2.25 -10.66
N SER A 61 -2.78 -1.36 -11.30
CA SER A 61 -2.32 -0.63 -12.46
C SER A 61 -2.08 0.85 -12.19
N ASN A 62 -2.65 1.39 -11.11
CA ASN A 62 -2.45 2.77 -10.72
C ASN A 62 -2.51 2.81 -9.19
N MET A 63 -1.64 3.56 -8.55
CA MET A 63 -1.63 3.61 -7.10
C MET A 63 -1.19 4.97 -6.65
N THR A 64 -1.93 5.56 -5.69
CA THR A 64 -1.51 6.82 -5.11
C THR A 64 -1.27 6.62 -3.63
N ILE A 65 -0.10 7.08 -3.20
CA ILE A 65 0.31 7.02 -1.81
C ILE A 65 0.49 8.47 -1.35
N ARG A 66 -0.17 8.83 -0.22
CA ARG A 66 0.14 10.10 0.47
C ARG A 66 1.10 9.74 1.61
N SER A 67 2.19 10.52 1.76
CA SER A 67 3.12 10.16 2.80
C SER A 67 3.91 11.38 3.24
N GLY A 68 4.46 11.25 4.45
CA GLY A 68 5.36 12.22 5.05
C GLY A 68 6.38 11.43 5.83
N ASP A 69 6.33 11.52 7.14
CA ASP A 69 7.13 10.64 7.99
C ASP A 69 6.53 9.23 8.09
N TYR A 70 5.22 9.12 7.83
CA TYR A 70 4.56 7.82 7.78
C TYR A 70 3.83 7.73 6.41
N ILE A 71 3.16 6.62 6.19
CA ILE A 71 2.17 6.56 5.10
C ILE A 71 0.86 7.09 5.63
N ASP A 72 0.36 8.16 5.00
CA ASP A 72 -0.90 8.80 5.37
C ASP A 72 -2.14 8.16 4.72
N ASN A 73 -1.97 7.69 3.46
CA ASN A 73 -3.15 7.31 2.68
C ASN A 73 -2.70 6.39 1.54
N ILE A 74 -3.56 5.42 1.19
CA ILE A 74 -3.33 4.61 0.00
C ILE A 74 -4.66 4.53 -0.76
N SER A 75 -4.54 4.56 -2.10
CA SER A 75 -5.63 4.19 -3.00
C SER A 75 -5.00 3.44 -4.16
N PHE A 76 -5.78 2.55 -4.78
CA PHE A 76 -5.29 1.95 -6.01
C PHE A 76 -6.46 1.62 -6.93
N GLU A 77 -6.11 1.40 -8.19
CA GLU A 77 -7.04 0.91 -9.22
C GLU A 77 -6.36 -0.30 -9.84
N THR A 78 -7.20 -1.25 -10.30
CA THR A 78 -6.67 -2.41 -10.97
C THR A 78 -6.90 -2.32 -12.47
N ASN A 79 -6.25 -3.26 -13.16
CA ASN A 79 -6.42 -3.40 -14.60
C ASN A 79 -7.83 -3.78 -14.99
N MET A 80 -8.67 -4.20 -14.07
CA MET A 80 -10.08 -4.47 -14.32
C MET A 80 -10.96 -3.31 -13.89
N GLY A 81 -10.37 -2.18 -13.52
CA GLY A 81 -11.09 -0.97 -13.22
C GLY A 81 -11.63 -0.91 -11.80
N ARG A 82 -11.31 -1.90 -10.95
CA ARG A 82 -11.79 -1.87 -9.58
C ARG A 82 -10.88 -0.97 -8.74
N ARG A 83 -11.47 -0.38 -7.71
CA ARG A 83 -10.74 0.55 -6.87
C ARG A 83 -10.74 0.11 -5.42
N PHE A 84 -9.66 0.48 -4.76
CA PHE A 84 -9.50 0.29 -3.32
C PHE A 84 -9.16 1.64 -2.72
N GLY A 85 -9.90 2.03 -1.69
CA GLY A 85 -9.60 3.29 -1.02
C GLY A 85 -10.20 4.44 -1.76
N PRO A 86 -9.76 5.65 -1.46
CA PRO A 86 -8.68 5.97 -0.51
C PRO A 86 -9.02 5.58 0.92
N TYR A 87 -7.97 5.17 1.64
CA TYR A 87 -8.03 4.96 3.09
C TYR A 87 -6.90 5.70 3.72
N GLY A 88 -7.19 6.33 4.86
CA GLY A 88 -6.22 7.13 5.60
C GLY A 88 -6.67 8.55 5.65
N GLY A 89 -5.71 9.42 5.95
CA GLY A 89 -5.96 10.83 6.11
C GLY A 89 -5.46 11.62 4.91
N SER A 90 -5.61 12.91 5.06
CA SER A 90 -5.29 13.82 3.98
C SER A 90 -3.98 14.52 4.20
N GLY A 91 -3.21 14.11 5.21
CA GLY A 91 -1.89 14.61 5.38
C GLY A 91 -0.86 14.14 4.36
N GLY A 92 0.39 14.54 4.57
CA GLY A 92 1.48 14.19 3.72
C GLY A 92 1.30 14.86 2.34
N SER A 93 2.11 14.40 1.40
CA SER A 93 2.01 14.79 0.00
C SER A 93 1.76 13.53 -0.83
N ALA A 94 1.10 13.74 -1.97
CA ALA A 94 0.69 12.62 -2.84
C ALA A 94 1.70 12.34 -3.93
N ASN A 95 1.95 11.05 -4.14
CA ASN A 95 2.73 10.57 -5.29
C ASN A 95 2.03 9.37 -5.88
N THR A 96 2.14 9.20 -7.18
CA THR A 96 1.37 8.23 -7.92
C THR A 96 2.22 7.41 -8.85
N LEU A 97 1.89 6.11 -8.87
CA LEU A 97 2.37 5.17 -9.86
C LEU A 97 1.27 5.04 -10.89
N SER A 98 1.57 5.43 -12.14
CA SER A 98 0.59 5.49 -13.19
C SER A 98 0.93 4.53 -14.32
N ASN A 99 -0.02 3.68 -14.68
CA ASN A 99 0.13 2.74 -15.79
C ASN A 99 1.27 1.78 -15.53
N VAL A 100 1.07 0.97 -14.48
CA VAL A 100 2.05 0.06 -13.98
C VAL A 100 1.45 -1.33 -13.85
N LYS A 101 2.29 -2.28 -13.44
CA LYS A 101 1.82 -3.55 -12.89
C LYS A 101 2.60 -3.76 -11.58
N VAL A 102 1.92 -3.67 -10.45
CA VAL A 102 2.63 -3.89 -9.16
C VAL A 102 2.89 -5.38 -9.00
N ILE A 103 4.16 -5.71 -8.69
CA ILE A 103 4.57 -7.08 -8.53
C ILE A 103 4.88 -7.46 -7.09
N GLN A 104 5.24 -6.52 -6.23
CA GLN A 104 5.51 -6.84 -4.82
C GLN A 104 5.41 -5.57 -4.02
N ILE A 105 4.84 -5.67 -2.81
CA ILE A 105 4.79 -4.55 -1.90
C ILE A 105 5.61 -4.93 -0.65
N ASN A 106 6.69 -4.17 -0.47
CA ASN A 106 7.49 -4.24 0.75
C ASN A 106 7.25 -2.92 1.52
N GLY A 107 7.87 -2.82 2.70
CA GLY A 107 7.75 -1.59 3.42
C GLY A 107 8.41 -1.69 4.76
N SER A 108 8.04 -0.82 5.66
CA SER A 108 8.57 -0.85 7.03
C SER A 108 7.43 -0.38 7.94
N ALA A 109 7.28 -1.04 9.08
CA ALA A 109 6.15 -0.75 9.93
C ALA A 109 6.52 -0.95 11.39
N GLY A 110 5.89 -0.13 12.22
CA GLY A 110 5.99 -0.27 13.68
C GLY A 110 4.59 -0.23 14.22
N ASP A 111 4.30 0.85 14.97
CA ASP A 111 2.93 1.11 15.35
C ASP A 111 2.08 1.59 14.15
N TYR A 112 2.71 2.23 13.20
CA TYR A 112 2.07 2.69 11.97
C TYR A 112 2.84 2.08 10.79
N LEU A 113 2.29 2.26 9.60
CA LEU A 113 3.05 1.95 8.38
C LEU A 113 3.91 3.13 8.07
N ASP A 114 5.24 2.99 8.32
CA ASP A 114 6.15 4.10 8.13
C ASP A 114 6.46 4.32 6.68
N SER A 115 6.66 3.24 5.92
CA SER A 115 7.09 3.41 4.53
C SER A 115 6.61 2.20 3.74
N LEU A 116 6.53 2.46 2.41
CA LEU A 116 6.24 1.44 1.42
C LEU A 116 7.32 1.46 0.39
N ASP A 117 7.69 0.29 -0.11
CA ASP A 117 8.68 0.14 -1.18
C ASP A 117 8.01 -0.76 -2.21
N ILE A 118 7.53 -0.15 -3.29
CA ILE A 118 6.66 -0.81 -4.26
C ILE A 118 7.50 -1.20 -5.46
N TYR A 119 7.47 -2.49 -5.80
CA TYR A 119 8.18 -3.04 -6.98
C TYR A 119 7.15 -3.28 -8.07
N TYR A 120 7.45 -2.79 -9.27
CA TYR A 120 6.42 -2.74 -10.33
C TYR A 120 7.10 -2.65 -11.68
N GLU A 121 6.31 -3.01 -12.70
CA GLU A 121 6.67 -2.75 -14.10
C GLU A 121 6.06 -1.45 -14.52
N GLN A 122 6.83 -0.57 -15.15
CA GLN A 122 6.33 0.70 -15.65
C GLN A 122 5.98 0.57 -17.12
N TYR A 123 4.74 0.83 -17.48
CA TYR A 123 4.28 0.84 -18.87
C TYR A 123 4.14 2.28 -19.40
C1 MAN B . 3.83 12.58 19.07
C2 MAN B . 4.88 12.65 18.00
C3 MAN B . 4.21 12.11 16.77
C4 MAN B . 3.67 10.69 17.06
C5 MAN B . 2.68 10.74 18.20
C6 MAN B . 2.14 9.42 18.60
O1 MAN B . 2.87 13.60 18.95
O2 MAN B . 6.03 11.91 18.35
O3 MAN B . 5.15 12.06 15.71
O4 MAN B . 3.02 10.13 15.90
O5 MAN B . 3.32 11.31 19.37
O6 MAN B . 3.25 8.63 18.96
C1 MAN B . 5.19 13.16 14.87
C2 MAN B . 5.82 12.67 13.59
C3 MAN B . 7.28 12.27 13.94
C4 MAN B . 7.98 13.46 14.58
C5 MAN B . 7.21 13.91 15.83
C6 MAN B . 7.75 15.17 16.47
O2 MAN B . 5.91 13.80 12.71
O3 MAN B . 7.91 11.84 12.73
O4 MAN B . 9.31 13.11 14.98
O5 MAN B . 5.87 14.21 15.47
O6 MAN B . 7.86 16.23 15.53
C1 MAN B . 4.89 14.03 11.74
C2 MAN B . 5.33 15.11 10.81
C3 MAN B . 5.49 16.44 11.54
C4 MAN B . 4.18 16.86 12.08
C5 MAN B . 3.74 15.71 13.00
C6 MAN B . 2.35 15.96 13.56
O2 MAN B . 4.38 15.38 9.76
O3 MAN B . 5.89 17.47 10.66
O4 MAN B . 4.35 18.06 12.86
O5 MAN B . 3.67 14.44 12.27
O6 MAN B . 1.47 16.18 12.46
C1 MAN B . 4.77 14.82 8.53
C2 MAN B . 4.01 15.61 7.45
C3 MAN B . 2.51 15.40 7.64
C4 MAN B . 2.16 13.93 7.58
C5 MAN B . 3.01 13.20 8.63
C6 MAN B . 2.84 11.69 8.58
O2 MAN B . 4.44 15.19 6.17
O3 MAN B . 1.82 16.08 6.57
O4 MAN B . 0.79 13.77 7.91
O5 MAN B . 4.42 13.44 8.46
O6 MAN B . 3.28 11.18 7.30
C1 MAN B . 3.21 8.08 20.22
C2 MAN B . 4.33 7.02 20.30
C3 MAN B . 4.39 6.04 19.18
C4 MAN B . 3.00 5.49 19.01
C5 MAN B . 1.83 6.44 19.25
C6 MAN B . 0.87 6.21 20.44
O2 MAN B . 4.31 6.43 21.65
O3 MAN B . 5.42 5.17 19.60
O4 MAN B . 2.92 4.38 18.13
O5 MAN B . 2.04 7.45 20.16
O6 MAN B . -0.49 6.23 20.07
C1 MAN B . 6.59 5.11 18.79
C2 MAN B . 6.86 3.65 18.56
C3 MAN B . 7.29 2.96 19.84
C4 MAN B . 8.38 3.78 20.55
C5 MAN B . 7.97 5.22 20.73
C6 MAN B . 9.05 6.06 21.39
O2 MAN B . 7.89 3.53 17.58
O3 MAN B . 7.78 1.64 19.57
O4 MAN B . 8.55 3.17 21.83
O5 MAN B . 7.70 5.77 19.45
O6 MAN B . 10.24 6.11 20.59
C1 MAN B . 7.62 2.46 16.63
C2 MAN B . 8.89 2.11 15.94
C3 MAN B . 9.29 3.26 15.10
C4 MAN B . 8.17 3.62 14.12
C5 MAN B . 6.92 3.95 14.93
C6 MAN B . 5.71 4.18 13.95
O2 MAN B . 8.72 0.97 15.09
O3 MAN B . 10.50 2.90 14.34
O4 MAN B . 8.57 4.77 13.39
O5 MAN B . 6.56 2.85 15.72
O6 MAN B . 5.43 3.01 13.18
C1 MAN B . -1.02 4.95 20.34
C2 MAN B . -1.02 4.45 21.78
C3 MAN B . -0.36 3.08 21.98
C4 MAN B . -0.37 2.21 20.72
C5 MAN B . -0.69 2.83 19.36
C6 MAN B . -0.89 2.08 18.08
O2 MAN B . -2.41 4.47 22.14
O3 MAN B . -1.07 2.30 22.95
O4 MAN B . 0.11 0.87 20.84
O5 MAN B . -1.38 4.10 19.27
O6 MAN B . -1.56 3.20 17.59
C1 EDO C . 8.06 11.41 1.84
O1 EDO C . 7.03 10.67 2.49
C2 EDO C . 8.05 11.10 0.35
O2 EDO C . 8.23 9.69 0.18
C1 EDO D . -5.38 7.04 -8.42
O1 EDO D . -5.26 7.84 -7.26
C2 EDO D . -4.95 5.62 -8.12
O2 EDO D . -5.73 5.04 -7.06
C1 EDO E . 9.78 -12.95 5.25
O1 EDO E . 11.15 -12.81 4.89
C2 EDO E . 8.96 -12.77 4.02
O2 EDO E . 7.72 -12.21 4.38
C1 EDO F . 13.06 6.92 14.12
O1 EDO F . 13.52 7.12 15.46
C2 EDO F . 13.25 5.50 13.64
O2 EDO F . 12.58 4.41 14.35
C1 EDO G . 12.26 -7.37 -3.60
O1 EDO G . 11.84 -7.84 -2.32
C2 EDO G . 13.74 -6.96 -3.57
O2 EDO G . 14.04 -6.13 -2.44
C1 EDO H . 10.56 9.88 12.93
O1 EDO H . 9.72 10.10 11.78
C2 EDO H . 10.17 8.52 13.42
O2 EDO H . 10.44 7.49 12.40
C1 PEG I . 2.85 -10.22 3.69
O1 PEG I . 2.50 -11.03 2.60
C2 PEG I . 4.35 -10.28 4.19
O2 PEG I . 4.54 -11.58 4.86
C3 PEG I . 5.61 -11.89 5.79
C1 EDO J . 4.35 -0.06 20.83
O1 EDO J . 4.38 0.62 22.11
C2 EDO J . 5.63 0.10 20.05
O2 EDO J . 6.69 -0.29 21.00
#